data_1Y57
#
_entry.id   1Y57
#
_cell.length_a   106.212
_cell.length_b   106.212
_cell.length_c   123.731
_cell.angle_alpha   90.00
_cell.angle_beta   90.00
_cell.angle_gamma   90.00
#
_symmetry.space_group_name_H-M   'P 41 21 2'
#
loop_
_entity.id
_entity.type
_entity.pdbx_description
1 polymer 'Proto-oncogene tyrosine-protein kinase Src'
2 non-polymer 'SULFATE ION'
3 non-polymer 4-[(4-METHYLPIPERAZIN-1-YL)METHYL]-N-{3-[(4-PYRIDIN-3-YLPYRIMIDIN-2-YL)AMINO]PHENYL}BENZAMIDE
4 water water
#
_entity_poly.entity_id   1
_entity_poly.type   'polypeptide(L)'
_entity_poly.pdbx_seq_one_letter_code
;MVTTFVALYDYESRTETDLSFKKGERLQIVNNTEGDWWLAHSLSTGQTGYIPSNYVAPSDSIQAEEWYFGKITRRESERL
LLNAENPRGTFLVRESETTKGAYCLSVSDFDNAKGLNVKHYKIRKLDSGGFYITSRTQFNSLQQLVAYYSKHADGLCHRL
TTVCPTSKPQTQGLAKDAWEIPRESLRLEVKLGQGCFGEVWMGTWNGTTRVAIKTLKPGTMSPEAFLQEAQVMKKLRHEK
LVQLYAVVSEEPIYIVTEYMSKGSLLDFLKGETGKYLRLPQLVDMAAQIASGMAYVERMNYVHRDLRAANILVGENLVCK
VADFGLARLIEDNEYTARQGAKFPIKWTAPEAALYGRFTIKSDVWSFGILLTELTTKGRVPYPGMVNREVLDQVERGYRM
PCPPECPESLHDLMCQCWRKEPEERPTFEYLQAFLEDYFTSTEPQYQPGENL
;
_entity_poly.pdbx_strand_id   A
#
# COMPACT_ATOMS: atom_id res chain seq x y z
N MET A 1 -23.50 25.13 -10.09
CA MET A 1 -22.99 26.15 -9.13
C MET A 1 -21.53 26.40 -9.49
N VAL A 2 -21.26 27.58 -10.05
CA VAL A 2 -19.90 27.89 -10.49
C VAL A 2 -18.94 27.90 -9.28
N THR A 3 -17.79 27.23 -9.48
CA THR A 3 -16.74 26.88 -8.49
C THR A 3 -16.98 25.57 -7.71
N THR A 4 -18.14 24.95 -7.87
CA THR A 4 -18.37 23.61 -7.32
C THR A 4 -18.10 22.57 -8.40
N PHE A 5 -17.29 21.60 -8.05
CA PHE A 5 -16.96 20.47 -8.90
C PHE A 5 -17.42 19.17 -8.25
N VAL A 6 -17.60 18.14 -9.06
CA VAL A 6 -17.99 16.81 -8.61
C VAL A 6 -16.90 15.81 -9.04
N ALA A 7 -16.49 14.94 -8.12
CA ALA A 7 -15.49 13.90 -8.41
C ALA A 7 -16.08 12.81 -9.30
N LEU A 8 -15.33 12.47 -10.34
CA LEU A 8 -15.71 11.38 -11.25
C LEU A 8 -15.17 10.03 -10.80
N TYR A 9 -14.09 10.04 -10.00
CA TYR A 9 -13.43 8.82 -9.50
C TYR A 9 -12.99 8.97 -8.05
N ASP A 10 -12.69 7.86 -7.38
CA ASP A 10 -12.05 7.90 -6.06
C ASP A 10 -10.58 8.30 -6.21
N TYR A 11 -10.08 9.06 -5.24
CA TYR A 11 -8.65 9.36 -5.12
C TYR A 11 -8.22 9.22 -3.66
N GLU A 12 -7.15 8.45 -3.45
CA GLU A 12 -6.54 8.24 -2.14
C GLU A 12 -5.33 9.16 -1.95
N SER A 13 -5.31 9.89 -0.83
CA SER A 13 -4.19 10.75 -0.43
C SER A 13 -2.90 9.96 -0.32
N ARG A 14 -1.85 10.47 -0.94
CA ARG A 14 -0.51 9.86 -0.81
C ARG A 14 0.60 10.86 -0.50
N THR A 15 0.23 12.10 -0.17
CA THR A 15 1.16 13.09 0.35
C THR A 15 0.55 13.80 1.56
N GLU A 16 1.28 14.73 2.15
CA GLU A 16 0.78 15.47 3.30
C GLU A 16 -0.22 16.57 2.95
N THR A 17 -0.32 16.93 1.67
CA THR A 17 -1.14 18.06 1.26
C THR A 17 -2.13 17.79 0.14
N ASP A 18 -2.23 16.55 -0.32
CA ASP A 18 -3.29 16.18 -1.25
C ASP A 18 -4.56 15.80 -0.47
N LEU A 19 -5.67 15.69 -1.19
CA LEU A 19 -6.99 15.51 -0.58
C LEU A 19 -7.59 14.21 -1.06
N SER A 20 -7.92 13.31 -0.14
CA SER A 20 -8.71 12.13 -0.42
C SER A 20 -10.15 12.52 -0.72
N PHE A 21 -10.75 11.84 -1.70
CA PHE A 21 -12.18 12.03 -1.99
C PHE A 21 -12.75 10.80 -2.66
N LYS A 22 -14.07 10.70 -2.65
CA LYS A 22 -14.79 9.59 -3.25
C LYS A 22 -15.56 10.10 -4.46
N LYS A 23 -15.83 9.22 -5.42
CA LYS A 23 -16.64 9.62 -6.57
C LYS A 23 -17.98 10.15 -6.08
N GLY A 24 -18.46 11.19 -6.75
CA GLY A 24 -19.67 11.88 -6.38
C GLY A 24 -19.48 13.00 -5.35
N GLU A 25 -18.30 13.09 -4.73
CA GLU A 25 -18.06 14.12 -3.72
C GLU A 25 -18.01 15.51 -4.36
N ARG A 26 -18.59 16.50 -3.68
CA ARG A 26 -18.63 17.87 -4.15
C ARG A 26 -17.52 18.67 -3.48
N LEU A 27 -16.76 19.38 -4.32
CA LEU A 27 -15.57 20.11 -3.93
C LEU A 27 -15.62 21.53 -4.44
N GLN A 28 -15.24 22.49 -3.60
CA GLN A 28 -15.00 23.86 -4.06
C GLN A 28 -13.58 23.98 -4.60
N ILE A 29 -13.46 24.51 -5.82
CA ILE A 29 -12.17 24.83 -6.41
C ILE A 29 -12.30 26.23 -6.97
N VAL A 30 -11.70 27.20 -6.29
CA VAL A 30 -11.85 28.59 -6.69
C VAL A 30 -10.80 29.06 -7.70
N ASN A 31 -9.69 28.34 -7.81
CA ASN A 31 -8.68 28.60 -8.85
C ASN A 31 -8.45 27.32 -9.65
N ASN A 32 -9.17 27.22 -10.75
CA ASN A 32 -9.08 26.07 -11.64
C ASN A 32 -8.40 26.53 -12.92
N THR A 33 -7.53 27.51 -12.77
CA THR A 33 -6.94 28.25 -13.88
C THR A 33 -6.16 27.22 -14.67
N GLU A 34 -5.21 26.56 -14.00
CA GLU A 34 -4.61 25.37 -14.55
C GLU A 34 -3.56 24.74 -13.63
N GLY A 35 -2.57 24.09 -14.25
CA GLY A 35 -1.82 23.03 -13.63
C GLY A 35 -2.64 21.76 -13.77
N ASP A 36 -2.03 20.65 -13.41
CA ASP A 36 -2.73 19.38 -13.36
C ASP A 36 -3.24 19.08 -11.94
N TRP A 37 -2.90 19.93 -10.97
CA TRP A 37 -3.28 19.72 -9.56
C TRP A 37 -3.90 21.00 -9.05
N TRP A 38 -5.11 20.90 -8.50
CA TRP A 38 -5.89 22.06 -8.07
C TRP A 38 -6.14 22.02 -6.57
N LEU A 39 -6.16 23.18 -5.93
CA LEU A 39 -6.48 23.28 -4.50
C LEU A 39 -7.99 23.19 -4.35
N ALA A 40 -8.45 22.23 -3.55
CA ALA A 40 -9.88 21.95 -3.39
C ALA A 40 -10.24 21.92 -1.92
N HIS A 41 -11.52 22.15 -1.65
CA HIS A 41 -12.04 22.10 -0.30
C HIS A 41 -13.35 21.30 -0.34
N SER A 42 -13.45 20.24 0.45
CA SER A 42 -14.61 19.33 0.35
C SER A 42 -15.85 19.86 1.09
N LEU A 43 -17.00 19.79 0.42
CA LEU A 43 -18.26 20.18 1.03
C LEU A 43 -18.86 19.05 1.86
N SER A 44 -18.24 17.86 1.82
CA SER A 44 -18.59 16.73 2.69
C SER A 44 -17.79 16.72 4.00
N THR A 45 -16.46 16.79 3.87
CA THR A 45 -15.58 16.60 5.02
C THR A 45 -14.99 17.88 5.59
N GLY A 46 -15.07 18.97 4.85
CA GLY A 46 -14.43 20.22 5.27
C GLY A 46 -12.89 20.20 5.18
N GLN A 47 -12.34 19.16 4.56
CA GLN A 47 -10.89 19.05 4.37
C GLN A 47 -10.41 19.82 3.15
N THR A 48 -9.20 20.35 3.24
CA THR A 48 -8.55 21.08 2.15
C THR A 48 -7.36 20.26 1.64
N GLY A 49 -7.15 20.27 0.32
CA GLY A 49 -5.93 19.71 -0.24
C GLY A 49 -5.95 19.70 -1.74
N TYR A 50 -4.88 19.20 -2.34
CA TYR A 50 -4.71 19.18 -3.77
C TYR A 50 -5.33 17.93 -4.41
N ILE A 51 -5.93 18.11 -5.58
CA ILE A 51 -6.61 17.05 -6.28
C ILE A 51 -6.17 17.03 -7.74
N PRO A 52 -6.24 15.86 -8.38
CA PRO A 52 -5.91 15.79 -9.81
C PRO A 52 -7.04 16.37 -10.65
N SER A 53 -6.75 17.32 -11.53
CA SER A 53 -7.81 18.09 -12.19
C SER A 53 -8.63 17.24 -13.15
N ASN A 54 -8.04 16.15 -13.65
CA ASN A 54 -8.78 15.26 -14.55
C ASN A 54 -9.76 14.31 -13.83
N TYR A 55 -9.84 14.39 -12.50
CA TYR A 55 -10.74 13.54 -11.72
C TYR A 55 -12.06 14.23 -11.37
N VAL A 56 -12.26 15.47 -11.81
CA VAL A 56 -13.47 16.21 -11.48
C VAL A 56 -14.15 16.80 -12.71
N ALA A 57 -15.44 17.10 -12.57
CA ALA A 57 -16.22 17.77 -13.59
C ALA A 57 -16.98 18.94 -12.96
N PRO A 58 -17.28 19.99 -13.71
CA PRO A 58 -18.09 21.09 -13.17
C PRO A 58 -19.47 20.60 -12.71
N SER A 59 -19.95 21.08 -11.56
CA SER A 59 -21.21 20.59 -10.98
C SER A 59 -22.44 20.92 -11.84
N ASP A 60 -22.33 21.89 -12.73
CA ASP A 60 -23.46 22.22 -13.62
C ASP A 60 -23.67 21.14 -14.68
N SER A 61 -22.56 20.65 -15.22
CA SER A 61 -22.56 19.79 -16.40
C SER A 61 -23.14 18.37 -16.24
N ILE A 62 -23.75 17.87 -17.31
CA ILE A 62 -24.20 16.48 -17.39
C ILE A 62 -23.04 15.50 -17.15
N GLN A 63 -21.82 15.96 -17.45
CA GLN A 63 -20.59 15.19 -17.26
C GLN A 63 -20.31 14.82 -15.78
N ALA A 64 -20.90 15.59 -14.85
CA ALA A 64 -20.85 15.28 -13.42
C ALA A 64 -21.58 14.00 -13.02
N GLU A 65 -22.51 13.53 -13.85
CA GLU A 65 -23.23 12.28 -13.56
C GLU A 65 -22.37 11.06 -13.90
N GLU A 66 -22.27 10.11 -12.96
CA GLU A 66 -21.40 8.94 -13.14
C GLU A 66 -21.88 8.07 -14.31
N TRP A 67 -23.19 8.03 -14.50
CA TRP A 67 -23.77 7.20 -15.55
C TRP A 67 -23.75 7.85 -16.94
N TYR A 68 -23.27 9.10 -17.03
CA TYR A 68 -23.23 9.77 -18.33
C TYR A 68 -21.91 9.52 -19.06
N PHE A 69 -21.97 8.85 -20.21
CA PHE A 69 -20.78 8.47 -20.96
C PHE A 69 -20.59 9.27 -22.26
N GLY A 70 -21.49 10.20 -22.57
CA GLY A 70 -21.27 11.14 -23.64
C GLY A 70 -21.31 10.52 -25.03
N LYS A 71 -20.33 10.85 -25.86
CA LYS A 71 -20.30 10.40 -27.24
C LYS A 71 -19.49 9.11 -27.32
N ILE A 72 -20.17 7.99 -27.09
CA ILE A 72 -19.60 6.67 -27.35
C ILE A 72 -20.57 5.96 -28.29
N THR A 73 -20.05 5.07 -29.13
CA THR A 73 -20.91 4.37 -30.09
C THR A 73 -21.79 3.33 -29.37
N ARG A 74 -22.84 2.90 -30.07
CA ARG A 74 -23.65 1.78 -29.61
C ARG A 74 -22.75 0.55 -29.33
N ARG A 75 -21.84 0.20 -30.24
CA ARG A 75 -21.03 -1.01 -30.08
C ARG A 75 -20.01 -0.88 -28.92
N GLU A 76 -19.49 0.33 -28.71
CA GLU A 76 -18.58 0.54 -27.59
C GLU A 76 -19.31 0.50 -26.24
N SER A 77 -20.54 1.00 -26.18
CA SER A 77 -21.34 0.89 -24.96
C SER A 77 -21.59 -0.58 -24.59
N GLU A 78 -21.80 -1.41 -25.61
CA GLU A 78 -22.01 -2.84 -25.40
C GLU A 78 -20.79 -3.51 -24.82
N ARG A 79 -19.63 -3.25 -25.40
CA ARG A 79 -18.38 -3.78 -24.88
C ARG A 79 -18.23 -3.46 -23.38
N LEU A 80 -18.52 -2.23 -22.98
CA LEU A 80 -18.37 -1.81 -21.58
C LEU A 80 -19.41 -2.47 -20.67
N LEU A 81 -20.65 -2.54 -21.15
CA LEU A 81 -21.73 -3.08 -20.36
C LEU A 81 -21.66 -4.60 -20.18
N LEU A 82 -21.02 -5.29 -21.13
CA LEU A 82 -20.87 -6.76 -21.09
C LEU A 82 -19.73 -7.29 -20.22
N ASN A 83 -19.12 -6.42 -19.43
CA ASN A 83 -18.15 -6.83 -18.42
C ASN A 83 -18.72 -8.03 -17.64
N ALA A 84 -17.87 -9.03 -17.44
CA ALA A 84 -18.25 -10.31 -16.85
C ALA A 84 -18.87 -10.17 -15.45
N GLU A 85 -18.51 -9.12 -14.71
CA GLU A 85 -18.94 -8.96 -13.32
C GLU A 85 -20.09 -7.97 -13.13
N ASN A 86 -20.61 -7.37 -14.21
CA ASN A 86 -21.69 -6.42 -14.06
C ASN A 86 -23.00 -7.14 -13.71
N PRO A 87 -23.73 -6.68 -12.70
CA PRO A 87 -25.09 -7.22 -12.45
C PRO A 87 -26.05 -6.94 -13.60
N ARG A 88 -27.08 -7.76 -13.73
CA ARG A 88 -28.17 -7.46 -14.64
C ARG A 88 -28.73 -6.06 -14.31
N GLY A 89 -29.00 -5.28 -15.33
CA GLY A 89 -29.48 -3.92 -15.18
C GLY A 89 -28.39 -2.87 -15.02
N THR A 90 -27.13 -3.24 -15.24
CA THR A 90 -26.07 -2.26 -15.30
C THR A 90 -26.32 -1.31 -16.46
N PHE A 91 -26.03 -0.03 -16.32
CA PHE A 91 -26.45 0.91 -17.34
C PHE A 91 -25.58 2.13 -17.52
N LEU A 92 -25.76 2.78 -18.66
CA LEU A 92 -25.18 4.08 -18.92
C LEU A 92 -26.13 4.85 -19.81
N VAL A 93 -25.91 6.16 -19.86
CA VAL A 93 -26.60 7.05 -20.79
C VAL A 93 -25.55 7.67 -21.69
N ARG A 94 -25.86 7.75 -22.98
CA ARG A 94 -24.94 8.29 -23.97
C ARG A 94 -25.71 9.08 -25.03
N GLU A 95 -24.98 9.77 -25.89
CA GLU A 95 -25.59 10.40 -27.06
C GLU A 95 -26.09 9.34 -28.06
N SER A 96 -27.20 9.62 -28.71
CA SER A 96 -27.69 8.78 -29.80
C SER A 96 -26.88 9.03 -31.07
N GLU A 97 -26.49 7.96 -31.75
CA GLU A 97 -25.79 8.01 -33.04
C GLU A 97 -26.71 8.22 -34.24
N THR A 98 -28.01 7.97 -34.06
CA THR A 98 -28.98 7.95 -35.16
C THR A 98 -29.96 9.13 -35.19
N THR A 99 -30.23 9.73 -34.03
CA THR A 99 -31.13 10.90 -33.93
C THR A 99 -30.37 12.06 -33.30
N LYS A 100 -30.15 13.12 -34.07
CA LYS A 100 -29.46 14.31 -33.58
C LYS A 100 -30.18 14.89 -32.36
N GLY A 101 -29.42 15.16 -31.29
CA GLY A 101 -29.96 15.76 -30.07
C GLY A 101 -30.60 14.81 -29.07
N ALA A 102 -30.80 13.55 -29.47
CA ALA A 102 -31.39 12.55 -28.60
C ALA A 102 -30.29 11.80 -27.82
N TYR A 103 -30.71 11.05 -26.82
CA TYR A 103 -29.80 10.28 -26.00
C TYR A 103 -30.21 8.82 -26.08
N CYS A 104 -29.47 7.97 -25.37
CA CYS A 104 -29.76 6.55 -25.35
C CYS A 104 -29.42 5.95 -24.01
N LEU A 105 -30.34 5.17 -23.47
CA LEU A 105 -30.15 4.41 -22.24
C LEU A 105 -29.78 2.99 -22.68
N SER A 106 -28.59 2.55 -22.30
CA SER A 106 -28.09 1.21 -22.65
C SER A 106 -27.98 0.38 -21.37
N VAL A 107 -28.49 -0.84 -21.40
CA VAL A 107 -28.76 -1.65 -20.20
C VAL A 107 -28.32 -3.09 -20.42
N SER A 108 -27.55 -3.65 -19.49
CA SER A 108 -27.19 -5.06 -19.57
C SER A 108 -28.37 -5.96 -19.19
N ASP A 109 -28.53 -7.04 -19.93
CA ASP A 109 -29.64 -7.98 -19.76
C ASP A 109 -29.08 -9.39 -19.87
N PHE A 110 -29.96 -10.37 -19.77
CA PHE A 110 -29.56 -11.76 -19.74
C PHE A 110 -30.68 -12.63 -20.27
N ASP A 111 -30.35 -13.46 -21.26
CA ASP A 111 -31.28 -14.44 -21.83
C ASP A 111 -30.92 -15.76 -21.18
N ASN A 112 -31.91 -16.42 -20.59
CA ASN A 112 -31.68 -17.67 -19.86
C ASN A 112 -31.08 -18.76 -20.74
N ALA A 113 -31.44 -18.78 -22.02
CA ALA A 113 -30.84 -19.71 -22.98
C ALA A 113 -29.51 -19.22 -23.57
N LYS A 114 -29.38 -17.93 -23.85
CA LYS A 114 -28.28 -17.47 -24.71
C LYS A 114 -27.23 -16.60 -24.02
N GLY A 115 -27.51 -16.15 -22.79
CA GLY A 115 -26.54 -15.38 -22.03
C GLY A 115 -26.64 -13.87 -22.13
N LEU A 116 -25.53 -13.22 -21.81
CA LEU A 116 -25.46 -11.77 -21.71
C LEU A 116 -25.77 -11.10 -23.01
N ASN A 117 -26.50 -10.00 -22.92
CA ASN A 117 -26.79 -9.14 -24.07
C ASN A 117 -27.11 -7.72 -23.58
N VAL A 118 -27.19 -6.77 -24.48
CA VAL A 118 -27.46 -5.38 -24.14
C VAL A 118 -28.69 -4.89 -24.89
N LYS A 119 -29.55 -4.15 -24.18
CA LYS A 119 -30.72 -3.50 -24.79
C LYS A 119 -30.49 -1.98 -24.81
N HIS A 120 -31.03 -1.31 -25.83
CA HIS A 120 -30.87 0.12 -25.98
C HIS A 120 -32.24 0.78 -26.12
N TYR A 121 -32.45 1.90 -25.42
CA TYR A 121 -33.73 2.60 -25.45
C TYR A 121 -33.49 4.05 -25.79
N LYS A 122 -34.00 4.50 -26.93
CA LYS A 122 -33.75 5.88 -27.34
C LYS A 122 -34.49 6.84 -26.41
N ILE A 123 -33.79 7.88 -25.98
CA ILE A 123 -34.37 8.96 -25.18
C ILE A 123 -34.52 10.18 -26.08
N ARG A 124 -35.75 10.51 -26.44
CA ARG A 124 -36.03 11.69 -27.28
C ARG A 124 -36.32 12.91 -26.40
N LYS A 125 -36.17 14.09 -26.99
CA LYS A 125 -36.44 15.35 -26.31
C LYS A 125 -37.51 16.12 -27.08
N LEU A 126 -38.45 16.70 -26.35
CA LEU A 126 -39.51 17.55 -26.89
C LEU A 126 -39.08 19.02 -26.92
N ASP A 127 -39.97 19.88 -27.43
CA ASP A 127 -39.74 21.32 -27.45
C ASP A 127 -39.98 21.89 -26.04
N SER A 128 -40.94 21.28 -25.34
CA SER A 128 -41.29 21.67 -23.97
C SER A 128 -40.12 21.54 -22.98
N GLY A 129 -39.12 20.72 -23.34
CA GLY A 129 -37.96 20.49 -22.52
C GLY A 129 -37.91 19.08 -21.94
N GLY A 130 -38.95 18.29 -22.19
CA GLY A 130 -39.06 16.97 -21.61
C GLY A 130 -38.20 15.91 -22.27
N PHE A 131 -37.89 14.85 -21.52
CA PHE A 131 -37.19 13.68 -22.03
C PHE A 131 -38.09 12.47 -21.86
N TYR A 132 -38.12 11.58 -22.84
CA TYR A 132 -38.90 10.36 -22.70
C TYR A 132 -38.36 9.18 -23.51
N ILE A 133 -38.61 7.98 -23.01
CA ILE A 133 -38.44 6.74 -23.78
C ILE A 133 -39.77 6.38 -24.46
N THR A 134 -40.87 6.53 -23.71
CA THR A 134 -42.22 6.39 -24.24
C THR A 134 -43.01 7.67 -23.94
N SER A 135 -43.86 8.05 -24.89
CA SER A 135 -44.58 9.33 -24.84
C SER A 135 -45.38 9.55 -23.55
N ARG A 136 -45.92 8.45 -23.01
CA ARG A 136 -46.78 8.52 -21.82
C ARG A 136 -46.05 8.84 -20.50
N THR A 137 -44.73 8.66 -20.48
CA THR A 137 -43.93 8.93 -19.28
C THR A 137 -42.81 9.91 -19.59
N GLN A 138 -42.99 11.17 -19.17
CA GLN A 138 -42.02 12.22 -19.45
C GLN A 138 -41.36 12.74 -18.18
N PHE A 139 -40.16 13.29 -18.36
CA PHE A 139 -39.33 13.79 -17.27
C PHE A 139 -38.73 15.12 -17.68
N ASN A 140 -38.40 15.94 -16.68
CA ASN A 140 -37.80 17.25 -16.94
C ASN A 140 -36.26 17.21 -17.03
N SER A 141 -35.68 16.05 -16.73
CA SER A 141 -34.23 15.87 -16.80
C SER A 141 -33.86 14.40 -17.03
N LEU A 142 -32.67 14.17 -17.58
CA LEU A 142 -32.10 12.82 -17.64
C LEU A 142 -31.97 12.23 -16.23
N GLN A 143 -31.67 13.08 -15.27
CA GLN A 143 -31.49 12.65 -13.89
C GLN A 143 -32.77 12.04 -13.33
N GLN A 144 -33.92 12.66 -13.62
CA GLN A 144 -35.21 12.16 -13.14
C GLN A 144 -35.65 10.90 -13.90
N LEU A 145 -35.30 10.82 -15.18
CA LEU A 145 -35.55 9.62 -15.98
C LEU A 145 -34.80 8.43 -15.37
N VAL A 146 -33.52 8.63 -15.06
CA VAL A 146 -32.70 7.58 -14.47
C VAL A 146 -33.24 7.18 -13.09
N ALA A 147 -33.64 8.16 -12.30
CA ALA A 147 -34.16 7.90 -10.95
C ALA A 147 -35.40 7.02 -11.00
N TYR A 148 -36.29 7.33 -11.94
CA TYR A 148 -37.54 6.61 -12.10
C TYR A 148 -37.30 5.15 -12.51
N TYR A 149 -36.44 4.92 -13.49
CA TYR A 149 -36.22 3.57 -13.99
C TYR A 149 -35.35 2.74 -13.04
N SER A 150 -34.68 3.41 -12.10
CA SER A 150 -34.00 2.72 -11.03
C SER A 150 -34.98 2.20 -9.96
N LYS A 151 -36.19 2.75 -9.93
CA LYS A 151 -37.26 2.28 -9.03
C LYS A 151 -38.14 1.20 -9.66
N HIS A 152 -38.52 1.40 -10.92
CA HIS A 152 -39.37 0.47 -11.66
C HIS A 152 -38.88 0.31 -13.09
N ALA A 153 -38.83 -0.94 -13.57
CA ALA A 153 -38.50 -1.21 -14.97
C ALA A 153 -39.54 -0.56 -15.88
N ASP A 154 -40.82 -0.74 -15.53
CA ASP A 154 -41.93 -0.12 -16.24
C ASP A 154 -41.76 -0.17 -17.76
N GLY A 155 -41.58 -1.38 -18.30
CA GLY A 155 -41.46 -1.56 -19.74
C GLY A 155 -40.05 -1.91 -20.21
N LEU A 156 -39.03 -1.42 -19.51
CA LEU A 156 -37.65 -1.81 -19.79
C LEU A 156 -37.38 -3.28 -19.46
N CYS A 157 -36.30 -3.82 -20.01
CA CYS A 157 -35.92 -5.21 -19.81
C CYS A 157 -35.67 -5.52 -18.33
N HIS A 158 -35.20 -4.53 -17.59
CA HIS A 158 -34.87 -4.69 -16.18
C HIS A 158 -34.76 -3.32 -15.54
N ARG A 159 -35.00 -3.27 -14.23
CA ARG A 159 -34.78 -2.06 -13.44
C ARG A 159 -33.31 -1.66 -13.54
N LEU A 160 -33.01 -0.36 -13.54
CA LEU A 160 -31.62 0.11 -13.55
C LEU A 160 -31.01 -0.13 -12.17
N THR A 161 -29.88 -0.84 -12.12
CA THR A 161 -29.27 -1.20 -10.85
C THR A 161 -27.95 -0.47 -10.69
N THR A 162 -26.97 -0.83 -11.48
CA THR A 162 -25.59 -0.42 -11.26
C THR A 162 -25.17 0.54 -12.36
N VAL A 163 -24.45 1.59 -12.00
CA VAL A 163 -23.83 2.43 -13.00
C VAL A 163 -22.65 1.66 -13.60
N CYS A 164 -22.55 1.67 -14.92
CA CYS A 164 -21.49 0.95 -15.62
C CYS A 164 -20.11 1.38 -15.09
N PRO A 165 -19.29 0.44 -14.62
CA PRO A 165 -17.92 0.76 -14.20
C PRO A 165 -17.00 1.02 -15.37
N THR A 166 -15.94 1.77 -15.09
CA THR A 166 -15.00 2.18 -16.12
C THR A 166 -13.61 2.35 -15.55
N SER A 167 -12.63 2.43 -16.45
CA SER A 167 -11.24 2.63 -16.04
C SER A 167 -11.03 4.02 -15.43
N LYS A 168 -10.32 4.04 -14.32
CA LYS A 168 -9.86 5.28 -13.70
C LYS A 168 -8.58 5.72 -14.45
N PRO A 169 -8.50 6.98 -14.89
CA PRO A 169 -7.31 7.46 -15.57
C PRO A 169 -6.17 7.71 -14.58
N GLN A 170 -4.95 7.76 -15.10
CA GLN A 170 -3.80 8.14 -14.28
C GLN A 170 -3.88 9.64 -13.99
N THR A 171 -3.36 10.06 -12.85
CA THR A 171 -3.15 11.49 -12.63
C THR A 171 -2.06 11.99 -13.59
N GLN A 172 -2.03 13.31 -13.83
CA GLN A 172 -1.01 13.91 -14.66
C GLN A 172 0.12 14.36 -13.72
N GLY A 173 1.17 13.55 -13.61
CA GLY A 173 2.21 13.77 -12.64
C GLY A 173 1.76 13.40 -11.24
N LEU A 174 2.70 13.38 -10.30
CA LEU A 174 2.45 13.01 -8.92
C LEU A 174 2.22 14.26 -8.09
N ALA A 175 1.33 14.16 -7.10
CA ALA A 175 1.23 15.15 -6.05
C ALA A 175 2.56 15.18 -5.27
N LYS A 176 2.96 16.38 -4.86
CA LYS A 176 4.21 16.64 -4.13
C LYS A 176 3.93 17.45 -2.89
N ASP A 177 4.77 17.29 -1.87
CA ASP A 177 4.58 18.04 -0.62
C ASP A 177 5.92 18.64 -0.16
N ALA A 178 6.00 19.05 1.10
CA ALA A 178 7.17 19.77 1.58
C ALA A 178 8.41 18.88 1.77
N TRP A 179 8.28 17.57 1.62
CA TRP A 179 9.44 16.67 1.64
C TRP A 179 10.23 16.71 0.33
N GLU A 180 9.65 17.31 -0.72
CA GLU A 180 10.29 17.40 -2.00
C GLU A 180 11.53 18.29 -1.95
N ILE A 181 12.61 17.85 -2.60
CA ILE A 181 13.82 18.67 -2.70
C ILE A 181 14.25 18.79 -4.16
N PRO A 182 15.00 19.85 -4.49
CA PRO A 182 15.66 19.93 -5.79
C PRO A 182 16.75 18.85 -5.91
N ARG A 183 16.80 18.15 -7.02
CA ARG A 183 17.79 17.09 -7.21
C ARG A 183 19.22 17.62 -7.20
N GLU A 184 19.40 18.89 -7.54
CA GLU A 184 20.72 19.53 -7.54
C GLU A 184 21.33 19.66 -6.16
N SER A 185 20.51 19.50 -5.12
CA SER A 185 21.00 19.46 -3.74
C SER A 185 21.70 18.14 -3.38
N LEU A 186 21.68 17.16 -4.29
CA LEU A 186 22.29 15.86 -4.07
C LEU A 186 23.49 15.56 -4.98
N ARG A 187 24.51 14.94 -4.39
CA ARG A 187 25.65 14.38 -5.11
C ARG A 187 25.73 12.90 -4.80
N LEU A 188 25.66 12.06 -5.84
CA LEU A 188 25.86 10.61 -5.72
C LEU A 188 27.35 10.30 -5.67
N GLU A 189 27.77 9.48 -4.70
CA GLU A 189 29.19 9.21 -4.52
C GLU A 189 29.58 7.76 -4.70
N VAL A 190 28.97 6.88 -3.94
CA VAL A 190 29.33 5.48 -3.97
C VAL A 190 28.08 4.65 -4.18
N LYS A 191 28.09 3.78 -5.18
CA LYS A 191 26.99 2.87 -5.39
C LYS A 191 27.09 1.67 -4.43
N LEU A 192 26.07 1.51 -3.61
CA LEU A 192 26.06 0.49 -2.56
C LEU A 192 25.48 -0.81 -3.07
N GLY A 193 24.54 -0.71 -4.01
CA GLY A 193 23.97 -1.90 -4.61
C GLY A 193 22.93 -1.63 -5.68
N GLN A 194 22.45 -2.69 -6.30
CA GLN A 194 21.45 -2.61 -7.35
C GLN A 194 20.68 -3.91 -7.53
N GLY A 195 19.53 -3.79 -8.16
CA GLY A 195 18.62 -4.91 -8.35
C GLY A 195 17.58 -4.58 -9.42
N CYS A 196 16.52 -5.38 -9.46
CA CYS A 196 15.53 -5.29 -10.53
C CYS A 196 14.79 -3.96 -10.56
N PHE A 197 14.64 -3.32 -9.40
CA PHE A 197 13.83 -2.09 -9.26
C PHE A 197 14.63 -0.81 -9.12
N GLY A 198 15.96 -0.90 -9.11
CA GLY A 198 16.80 0.29 -9.04
C GLY A 198 18.09 0.10 -8.28
N GLU A 199 18.59 1.19 -7.71
CA GLU A 199 19.90 1.24 -7.08
C GLU A 199 19.85 1.92 -5.70
N VAL A 200 20.91 1.73 -4.92
CA VAL A 200 21.09 2.49 -3.69
C VAL A 200 22.50 3.11 -3.66
N TRP A 201 22.57 4.40 -3.37
CA TRP A 201 23.84 5.12 -3.30
C TRP A 201 24.07 5.79 -1.95
N MET A 202 25.34 5.96 -1.63
CA MET A 202 25.74 6.88 -0.59
C MET A 202 26.08 8.18 -1.28
N GLY A 203 25.67 9.28 -0.67
CA GLY A 203 25.87 10.59 -1.25
C GLY A 203 25.87 11.69 -0.22
N THR A 204 25.82 12.92 -0.72
CA THR A 204 25.80 14.12 0.09
C THR A 204 24.63 15.00 -0.29
N TRP A 205 24.01 15.59 0.73
CA TRP A 205 22.84 16.43 0.59
C TRP A 205 23.19 17.82 1.13
N ASN A 206 22.88 18.86 0.35
CA ASN A 206 23.15 20.25 0.70
C ASN A 206 24.63 20.52 1.01
N GLY A 207 25.52 19.73 0.42
CA GLY A 207 26.96 19.88 0.58
C GLY A 207 27.51 19.55 1.96
N THR A 208 26.65 19.08 2.86
CA THR A 208 27.05 18.88 4.26
C THR A 208 26.62 17.56 4.90
N THR A 209 25.54 16.95 4.42
CA THR A 209 24.93 15.83 5.12
C THR A 209 25.09 14.53 4.36
N ARG A 210 25.70 13.53 4.97
CA ARG A 210 25.79 12.20 4.39
C ARG A 210 24.41 11.52 4.36
N VAL A 211 24.05 10.92 3.23
CA VAL A 211 22.73 10.33 3.03
C VAL A 211 22.82 9.04 2.23
N ALA A 212 21.79 8.24 2.33
CA ALA A 212 21.54 7.15 1.42
C ALA A 212 20.45 7.58 0.45
N ILE A 213 20.62 7.23 -0.82
CA ILE A 213 19.70 7.61 -1.88
C ILE A 213 19.23 6.35 -2.58
N LYS A 214 17.96 6.03 -2.42
CA LYS A 214 17.38 4.90 -3.10
C LYS A 214 16.71 5.41 -4.38
N THR A 215 17.04 4.80 -5.52
CA THR A 215 16.58 5.23 -6.84
C THR A 215 15.68 4.17 -7.49
N LEU A 216 14.68 4.63 -8.22
CA LEU A 216 13.74 3.75 -8.91
C LEU A 216 14.12 3.65 -10.38
N LYS A 217 14.29 2.43 -10.87
CA LYS A 217 14.51 2.19 -12.29
C LYS A 217 13.17 2.35 -13.01
N PRO A 218 13.07 3.28 -13.95
CA PRO A 218 11.83 3.47 -14.72
C PRO A 218 11.37 2.19 -15.42
N GLY A 219 10.07 2.08 -15.61
CA GLY A 219 9.50 0.93 -16.30
C GLY A 219 9.38 -0.33 -15.46
N THR A 220 9.68 -0.23 -14.17
CA THR A 220 9.48 -1.35 -13.24
C THR A 220 8.23 -0.98 -12.41
N MET A 221 8.32 -0.76 -11.10
CA MET A 221 7.09 -0.43 -10.36
C MET A 221 6.66 1.04 -10.56
N SER A 222 5.40 1.35 -10.26
CA SER A 222 4.92 2.72 -10.43
C SER A 222 5.64 3.63 -9.44
N PRO A 223 5.87 4.88 -9.80
CA PRO A 223 6.37 5.88 -8.85
C PRO A 223 5.56 5.92 -7.55
N GLU A 224 4.24 5.80 -7.63
CA GLU A 224 3.36 5.80 -6.45
C GLU A 224 3.65 4.64 -5.54
N ALA A 225 3.78 3.44 -6.12
CA ALA A 225 4.09 2.27 -5.32
C ALA A 225 5.46 2.39 -4.67
N PHE A 226 6.43 2.90 -5.42
CA PHE A 226 7.79 3.11 -4.90
C PHE A 226 7.77 4.06 -3.71
N LEU A 227 7.03 5.15 -3.84
CA LEU A 227 7.00 6.17 -2.79
C LEU A 227 6.10 5.81 -1.58
N GLN A 228 5.37 4.69 -1.65
CA GLN A 228 4.59 4.21 -0.49
C GLN A 228 5.52 4.08 0.71
N GLU A 229 6.73 3.65 0.45
CA GLU A 229 7.76 3.53 1.46
C GLU A 229 8.05 4.85 2.18
N ALA A 230 8.16 5.94 1.42
CA ALA A 230 8.35 7.27 2.00
C ALA A 230 7.13 7.74 2.76
N GLN A 231 5.92 7.47 2.25
CA GLN A 231 4.70 7.84 2.95
C GLN A 231 4.66 7.26 4.38
N VAL A 232 5.05 5.99 4.51
CA VAL A 232 5.13 5.34 5.81
C VAL A 232 6.18 6.00 6.71
N MET A 233 7.36 6.28 6.17
CA MET A 233 8.44 6.89 6.94
C MET A 233 8.16 8.35 7.36
N LYS A 234 7.28 9.06 6.65
CA LYS A 234 6.90 10.40 7.09
C LYS A 234 6.14 10.35 8.42
N LYS A 235 5.43 9.25 8.65
CA LYS A 235 4.62 9.05 9.85
C LYS A 235 5.34 8.36 11.02
N LEU A 236 6.28 7.47 10.70
CA LEU A 236 6.95 6.67 11.75
C LEU A 236 8.34 7.25 12.00
N ARG A 237 8.53 7.90 13.15
CA ARG A 237 9.79 8.54 13.54
C ARG A 237 10.26 8.08 14.93
N HIS A 238 11.43 7.45 14.98
CA HIS A 238 11.93 6.82 16.20
C HIS A 238 13.43 6.55 16.04
N GLU A 239 14.16 6.55 17.16
CA GLU A 239 15.61 6.43 17.13
C GLU A 239 16.11 5.13 16.52
N LYS A 240 15.27 4.08 16.55
CA LYS A 240 15.66 2.77 16.03
C LYS A 240 14.98 2.43 14.70
N LEU A 241 14.49 3.45 14.01
CA LEU A 241 14.00 3.34 12.63
C LEU A 241 14.80 4.29 11.79
N VAL A 242 15.20 3.83 10.62
CA VAL A 242 15.90 4.68 9.66
C VAL A 242 15.04 5.90 9.30
N GLN A 243 15.63 7.10 9.35
CA GLN A 243 14.86 8.35 9.22
C GLN A 243 14.79 8.79 7.75
N LEU A 244 13.60 9.15 7.30
CA LEU A 244 13.43 9.81 6.00
C LEU A 244 13.89 11.28 6.04
N TYR A 245 14.60 11.72 5.01
CA TYR A 245 15.04 13.10 4.91
C TYR A 245 14.30 13.88 3.80
N ALA A 246 14.04 13.23 2.67
CA ALA A 246 13.52 13.93 1.48
C ALA A 246 13.15 12.97 0.38
N VAL A 247 12.37 13.46 -0.60
CA VAL A 247 12.10 12.72 -1.82
C VAL A 247 12.30 13.61 -3.06
N VAL A 248 12.56 12.98 -4.20
CA VAL A 248 12.52 13.62 -5.50
C VAL A 248 11.49 12.85 -6.33
N SER A 249 10.39 13.51 -6.70
CA SER A 249 9.20 12.84 -7.27
C SER A 249 9.09 12.92 -8.80
N GLU A 250 10.19 13.21 -9.47
CA GLU A 250 10.27 13.13 -10.94
C GLU A 250 11.34 12.09 -11.29
N GLU A 251 11.21 11.44 -12.44
CA GLU A 251 12.07 10.30 -12.78
C GLU A 251 13.54 10.74 -13.00
N PRO A 252 14.51 9.97 -12.47
CA PRO A 252 14.26 8.77 -11.67
C PRO A 252 13.89 9.14 -10.23
N ILE A 253 12.87 8.49 -9.69
CA ILE A 253 12.39 8.83 -8.34
C ILE A 253 13.51 8.51 -7.33
N TYR A 254 13.74 9.41 -6.37
CA TYR A 254 14.68 9.18 -5.27
C TYR A 254 13.95 9.18 -3.94
N ILE A 255 14.36 8.30 -3.03
CA ILE A 255 14.07 8.44 -1.60
C ILE A 255 15.38 8.65 -0.85
N VAL A 256 15.46 9.75 -0.08
CA VAL A 256 16.69 10.14 0.61
C VAL A 256 16.52 9.92 2.11
N THR A 257 17.39 9.12 2.72
CA THR A 257 17.34 8.82 4.15
C THR A 257 18.68 9.04 4.83
N GLU A 258 18.68 8.90 6.15
CA GLU A 258 19.92 8.83 6.89
C GLU A 258 20.76 7.66 6.39
N TYR A 259 22.07 7.79 6.52
CA TYR A 259 22.99 6.76 6.05
C TYR A 259 23.49 5.96 7.24
N MET A 260 23.43 4.64 7.12
CA MET A 260 23.91 3.73 8.18
C MET A 260 25.23 3.14 7.69
N SER A 261 26.33 3.43 8.38
CA SER A 261 27.65 3.24 7.81
C SER A 261 28.09 1.79 7.63
N LYS A 262 27.51 0.84 8.37
CA LYS A 262 27.96 -0.56 8.31
C LYS A 262 27.11 -1.52 7.47
N GLY A 263 26.01 -1.05 6.90
CA GLY A 263 25.25 -1.88 5.99
C GLY A 263 24.30 -2.82 6.69
N SER A 264 23.89 -3.88 6.02
CA SER A 264 22.87 -4.77 6.57
C SER A 264 23.41 -5.61 7.73
N LEU A 265 22.53 -5.89 8.68
CA LEU A 265 22.85 -6.70 9.85
C LEU A 265 23.30 -8.06 9.37
N LEU A 266 22.63 -8.63 8.36
CA LEU A 266 23.01 -9.96 7.86
C LEU A 266 24.47 -10.02 7.44
N ASP A 267 24.90 -9.08 6.60
CA ASP A 267 26.29 -9.00 6.13
C ASP A 267 27.29 -8.71 7.28
N PHE A 268 26.86 -7.90 8.23
CA PHE A 268 27.66 -7.53 9.39
C PHE A 268 27.94 -8.77 10.27
N LEU A 269 26.92 -9.59 10.49
CA LEU A 269 27.06 -10.82 11.28
C LEU A 269 27.97 -11.83 10.61
N LYS A 270 27.89 -11.94 9.28
CA LYS A 270 28.66 -12.90 8.49
C LYS A 270 30.11 -12.49 8.30
N GLY A 271 30.39 -11.21 8.51
CA GLY A 271 31.72 -10.67 8.32
C GLY A 271 32.60 -10.77 9.55
N GLU A 272 33.74 -10.09 9.51
CA GLU A 272 34.78 -10.27 10.51
C GLU A 272 34.32 -9.91 11.90
N THR A 273 33.48 -8.87 12.05
CA THR A 273 33.02 -8.47 13.39
C THR A 273 32.21 -9.54 14.09
N GLY A 274 31.45 -10.32 13.32
CA GLY A 274 30.72 -11.45 13.89
C GLY A 274 31.54 -12.40 14.73
N LYS A 275 32.79 -12.64 14.32
CA LYS A 275 33.66 -13.57 15.03
C LYS A 275 33.96 -13.10 16.46
N TYR A 276 33.93 -11.77 16.64
CA TYR A 276 34.25 -11.13 17.90
C TYR A 276 33.05 -10.81 18.77
N LEU A 277 31.83 -11.04 18.28
CA LEU A 277 30.63 -10.80 19.07
C LEU A 277 30.25 -12.03 19.89
N ARG A 278 29.66 -11.76 21.05
CA ARG A 278 29.16 -12.80 21.93
C ARG A 278 27.72 -12.48 22.29
N LEU A 279 27.12 -13.29 23.15
CA LEU A 279 25.70 -13.15 23.44
C LEU A 279 25.26 -11.78 23.93
N PRO A 280 26.00 -11.12 24.81
CA PRO A 280 25.58 -9.78 25.28
C PRO A 280 25.42 -8.74 24.17
N GLN A 281 26.32 -8.77 23.19
CA GLN A 281 26.26 -7.85 22.07
C GLN A 281 25.08 -8.18 21.16
N LEU A 282 24.83 -9.46 20.96
CA LEU A 282 23.77 -9.89 20.05
C LEU A 282 22.39 -9.63 20.65
N VAL A 283 22.27 -9.87 21.95
CA VAL A 283 21.06 -9.57 22.69
C VAL A 283 20.79 -8.07 22.75
N ASP A 284 21.82 -7.26 22.89
CA ASP A 284 21.65 -5.82 22.86
C ASP A 284 21.12 -5.37 21.49
N MET A 285 21.66 -5.94 20.42
CA MET A 285 21.18 -5.61 19.08
C MET A 285 19.72 -6.05 18.92
N ALA A 286 19.38 -7.23 19.42
CA ALA A 286 17.99 -7.69 19.40
C ALA A 286 17.05 -6.74 20.11
N ALA A 287 17.50 -6.20 21.25
CA ALA A 287 16.71 -5.30 22.07
C ALA A 287 16.45 -4.00 21.36
N GLN A 288 17.42 -3.54 20.57
CA GLN A 288 17.26 -2.30 19.82
C GLN A 288 16.21 -2.48 18.73
N ILE A 289 16.28 -3.61 18.05
CA ILE A 289 15.32 -3.94 17.02
C ILE A 289 13.93 -4.07 17.65
N ALA A 290 13.84 -4.73 18.81
CA ALA A 290 12.57 -4.90 19.48
C ALA A 290 12.00 -3.54 19.88
N SER A 291 12.85 -2.59 20.24
CA SER A 291 12.39 -1.25 20.61
C SER A 291 11.81 -0.51 19.41
N GLY A 292 12.46 -0.63 18.26
CA GLY A 292 11.90 -0.09 17.03
C GLY A 292 10.56 -0.70 16.67
N MET A 293 10.46 -2.02 16.81
CA MET A 293 9.23 -2.72 16.47
C MET A 293 8.12 -2.47 17.49
N ALA A 294 8.48 -2.17 18.73
CA ALA A 294 7.50 -1.82 19.75
C ALA A 294 6.87 -0.46 19.43
N TYR A 295 7.66 0.42 18.83
CA TYR A 295 7.13 1.70 18.32
C TYR A 295 6.19 1.48 17.13
N VAL A 296 6.61 0.67 16.15
CA VAL A 296 5.74 0.29 15.03
C VAL A 296 4.41 -0.30 15.53
N GLU A 297 4.51 -1.16 16.54
CA GLU A 297 3.35 -1.75 17.23
C GLU A 297 2.42 -0.70 17.85
N ARG A 298 2.96 0.25 18.64
CA ARG A 298 2.15 1.30 19.28
C ARG A 298 1.49 2.18 18.25
N MET A 299 2.13 2.37 17.09
CA MET A 299 1.61 3.24 16.05
C MET A 299 0.59 2.55 15.14
N ASN A 300 0.27 1.29 15.44
CA ASN A 300 -0.71 0.51 14.67
C ASN A 300 -0.30 0.24 13.22
N TYR A 301 1.00 0.04 12.98
CA TYR A 301 1.51 -0.37 11.68
C TYR A 301 2.00 -1.81 11.71
N VAL A 302 2.24 -2.36 10.54
CA VAL A 302 2.81 -3.68 10.36
C VAL A 302 3.92 -3.53 9.32
N HIS A 303 5.05 -4.20 9.54
CA HIS A 303 6.23 -4.04 8.67
C HIS A 303 6.14 -4.98 7.48
N ARG A 304 5.91 -6.27 7.79
CA ARG A 304 5.73 -7.36 6.82
C ARG A 304 6.99 -7.90 6.14
N ASP A 305 8.16 -7.40 6.50
CA ASP A 305 9.39 -7.83 5.82
C ASP A 305 10.58 -7.81 6.77
N LEU A 306 10.32 -8.19 8.02
CA LEU A 306 11.32 -8.16 9.07
C LEU A 306 12.26 -9.38 8.95
N ARG A 307 13.56 -9.08 8.88
CA ARG A 307 14.63 -10.07 8.79
C ARG A 307 15.96 -9.33 8.85
N ALA A 308 17.05 -10.05 9.12
CA ALA A 308 18.34 -9.41 9.34
C ALA A 308 18.82 -8.65 8.09
N ALA A 309 18.40 -9.07 6.91
CA ALA A 309 18.76 -8.39 5.67
C ALA A 309 18.16 -6.95 5.60
N ASN A 310 17.09 -6.71 6.35
CA ASN A 310 16.39 -5.44 6.38
C ASN A 310 16.57 -4.64 7.67
N ILE A 311 17.58 -4.99 8.46
CA ILE A 311 18.06 -4.16 9.56
C ILE A 311 19.36 -3.55 9.07
N LEU A 312 19.60 -2.28 9.37
CA LEU A 312 20.85 -1.63 9.05
C LEU A 312 21.64 -1.30 10.31
N VAL A 313 22.97 -1.28 10.17
CA VAL A 313 23.88 -1.16 11.30
C VAL A 313 24.78 0.08 11.13
N GLY A 314 25.04 0.74 12.25
CA GLY A 314 26.00 1.84 12.35
C GLY A 314 27.13 1.46 13.29
N GLU A 315 28.01 2.41 13.58
CA GLU A 315 29.08 2.20 14.55
C GLU A 315 28.51 1.88 15.91
N ASN A 316 29.31 1.15 16.69
CA ASN A 316 28.97 0.78 18.06
C ASN A 316 27.74 -0.06 18.21
N LEU A 317 27.50 -0.92 17.23
CA LEU A 317 26.39 -1.89 17.23
C LEU A 317 25.00 -1.24 17.24
N VAL A 318 24.90 -0.02 16.75
CA VAL A 318 23.59 0.61 16.60
C VAL A 318 22.86 -0.13 15.48
N CYS A 319 21.63 -0.58 15.76
CA CYS A 319 20.78 -1.28 14.78
C CYS A 319 19.48 -0.54 14.60
N LYS A 320 19.04 -0.43 13.34
CA LYS A 320 17.79 0.25 13.03
C LYS A 320 16.96 -0.54 12.03
N VAL A 321 15.66 -0.51 12.22
CA VAL A 321 14.72 -1.14 11.31
C VAL A 321 14.68 -0.32 10.03
N ALA A 322 14.72 -0.99 8.89
CA ALA A 322 14.74 -0.32 7.60
C ALA A 322 13.74 -1.02 6.67
N ASP A 323 13.78 -0.66 5.39
CA ASP A 323 12.98 -1.27 4.32
C ASP A 323 11.51 -1.34 4.63
N PHE A 324 10.89 -0.17 4.56
CA PHE A 324 9.47 -0.06 4.82
C PHE A 324 8.67 -0.20 3.53
N GLY A 325 9.24 -0.87 2.52
CA GLY A 325 8.61 -1.02 1.21
C GLY A 325 7.34 -1.85 1.17
N LEU A 326 7.09 -2.64 2.21
CA LEU A 326 5.85 -3.42 2.36
C LEU A 326 4.97 -2.99 3.54
N ALA A 327 5.44 -2.04 4.33
CA ALA A 327 4.75 -1.62 5.53
C ALA A 327 3.42 -0.94 5.24
N ARG A 328 2.50 -1.08 6.18
CA ARG A 328 1.10 -0.65 6.02
C ARG A 328 0.53 -0.27 7.36
N LEU A 329 -0.36 0.72 7.35
CA LEU A 329 -1.22 0.99 8.48
C LEU A 329 -2.21 -0.17 8.57
N ILE A 330 -2.51 -0.64 9.77
CA ILE A 330 -3.42 -1.76 9.92
C ILE A 330 -4.84 -1.24 9.83
N GLU A 331 -5.69 -1.94 9.07
CA GLU A 331 -7.09 -1.59 8.91
C GLU A 331 -7.93 -2.77 9.38
N ASP A 332 -9.14 -2.49 9.85
CA ASP A 332 -9.98 -3.51 10.44
C ASP A 332 -10.76 -4.32 9.37
N ASN A 333 -10.08 -4.69 8.29
CA ASN A 333 -10.63 -5.59 7.27
C ASN A 333 -9.53 -6.43 6.60
N GLU A 334 -9.94 -7.40 5.79
CA GLU A 334 -9.00 -8.20 5.03
C GLU A 334 -8.65 -7.50 3.70
N TYR A 335 -7.60 -7.99 3.06
CA TYR A 335 -7.24 -7.54 1.71
C TYR A 335 -6.53 -8.68 1.00
N THR A 336 -6.62 -8.69 -0.33
CA THR A 336 -5.88 -9.65 -1.16
C THR A 336 -4.43 -9.18 -1.23
N ALA A 337 -3.53 -9.94 -0.60
CA ALA A 337 -2.12 -9.61 -0.62
C ALA A 337 -1.51 -9.90 -1.99
N ARG A 338 -0.49 -9.12 -2.34
CA ARG A 338 0.33 -9.41 -3.51
C ARG A 338 1.01 -10.76 -3.30
N GLN A 339 1.17 -11.51 -4.38
CA GLN A 339 1.81 -12.83 -4.36
C GLN A 339 3.21 -12.77 -3.74
N GLY A 340 3.89 -11.63 -3.87
CA GLY A 340 5.25 -11.46 -3.44
C GLY A 340 5.45 -11.18 -1.96
N ALA A 341 4.41 -10.74 -1.25
CA ALA A 341 4.58 -10.32 0.16
C ALA A 341 5.02 -11.44 1.12
N LYS A 342 4.63 -12.68 0.83
CA LYS A 342 4.93 -13.83 1.70
C LYS A 342 6.39 -14.31 1.61
N PHE A 343 7.12 -13.81 0.61
CA PHE A 343 8.49 -14.22 0.38
C PHE A 343 9.44 -13.15 0.93
N PRO A 344 10.56 -13.56 1.52
CA PRO A 344 10.98 -14.97 1.67
C PRO A 344 10.19 -15.79 2.72
N ILE A 345 9.86 -17.02 2.36
CA ILE A 345 8.95 -17.85 3.13
C ILE A 345 9.42 -18.26 4.54
N LYS A 346 10.73 -18.41 4.72
CA LYS A 346 11.27 -18.88 6.00
C LYS A 346 11.09 -17.87 7.17
N TRP A 347 10.74 -16.62 6.86
CA TRP A 347 10.44 -15.62 7.89
C TRP A 347 8.95 -15.34 8.10
N THR A 348 8.08 -16.01 7.35
CA THR A 348 6.69 -15.60 7.30
C THR A 348 5.79 -16.52 8.12
N ALA A 349 4.99 -15.95 9.01
CA ALA A 349 4.10 -16.76 9.83
C ALA A 349 3.09 -17.46 8.93
N PRO A 350 2.67 -18.67 9.31
CA PRO A 350 1.78 -19.49 8.48
C PRO A 350 0.47 -18.81 8.06
N GLU A 351 -0.15 -18.09 8.98
CA GLU A 351 -1.43 -17.45 8.70
C GLU A 351 -1.28 -16.26 7.73
N ALA A 352 -0.11 -15.62 7.75
CA ALA A 352 0.23 -14.61 6.77
C ALA A 352 0.50 -15.23 5.42
N ALA A 353 1.25 -16.34 5.40
CA ALA A 353 1.63 -17.00 4.15
C ALA A 353 0.44 -17.67 3.46
N LEU A 354 -0.42 -18.29 4.28
CA LEU A 354 -1.56 -19.06 3.76
C LEU A 354 -2.79 -18.21 3.45
N TYR A 355 -3.10 -17.25 4.30
CA TYR A 355 -4.36 -16.51 4.22
C TYR A 355 -4.20 -14.99 4.09
N GLY A 356 -2.96 -14.51 3.98
CA GLY A 356 -2.71 -13.09 3.87
C GLY A 356 -3.02 -12.28 5.11
N ARG A 357 -3.05 -12.91 6.27
CA ARG A 357 -3.35 -12.20 7.51
C ARG A 357 -2.05 -11.69 8.15
N PHE A 358 -1.56 -10.58 7.61
CA PHE A 358 -0.35 -9.93 8.10
C PHE A 358 -0.76 -8.96 9.19
N THR A 359 -0.25 -9.18 10.39
CA THR A 359 -0.51 -8.34 11.54
C THR A 359 0.77 -8.14 12.33
N ILE A 360 0.73 -7.33 13.39
CA ILE A 360 1.89 -7.19 14.25
C ILE A 360 2.36 -8.53 14.84
N LYS A 361 1.44 -9.48 15.00
CA LYS A 361 1.78 -10.82 15.47
C LYS A 361 2.54 -11.66 14.45
N SER A 362 2.31 -11.41 13.15
CA SER A 362 3.11 -12.06 12.13
C SER A 362 4.51 -11.42 12.07
N ASP A 363 4.60 -10.13 12.39
CA ASP A 363 5.93 -9.52 12.58
C ASP A 363 6.66 -10.15 13.79
N VAL A 364 5.92 -10.50 14.85
CA VAL A 364 6.55 -11.13 16.03
C VAL A 364 7.17 -12.47 15.65
N TRP A 365 6.47 -13.26 14.83
CA TRP A 365 6.99 -14.51 14.30
C TRP A 365 8.31 -14.27 13.56
N SER A 366 8.30 -13.30 12.65
CA SER A 366 9.50 -12.96 11.90
C SER A 366 10.65 -12.55 12.85
N PHE A 367 10.32 -11.87 13.94
CA PHE A 367 11.33 -11.45 14.90
C PHE A 367 11.98 -12.65 15.58
N GLY A 368 11.18 -13.67 15.91
CA GLY A 368 11.73 -14.91 16.40
C GLY A 368 12.72 -15.54 15.45
N ILE A 369 12.42 -15.51 14.15
CA ILE A 369 13.32 -16.05 13.14
C ILE A 369 14.59 -15.18 13.10
N LEU A 370 14.42 -13.86 13.16
CA LEU A 370 15.56 -12.92 13.25
C LEU A 370 16.45 -13.24 14.45
N LEU A 371 15.87 -13.65 15.57
CA LEU A 371 16.67 -14.04 16.73
C LEU A 371 17.55 -15.25 16.43
N THR A 372 17.09 -16.19 15.60
CA THR A 372 17.98 -17.27 15.14
C THR A 372 19.13 -16.79 14.26
N GLU A 373 18.89 -15.84 13.37
CA GLU A 373 19.96 -15.23 12.60
C GLU A 373 21.01 -14.55 13.49
N LEU A 374 20.58 -13.86 14.55
CA LEU A 374 21.53 -13.26 15.50
C LEU A 374 22.40 -14.31 16.19
N THR A 375 21.76 -15.33 16.75
CA THR A 375 22.48 -16.33 17.52
C THR A 375 23.30 -17.31 16.67
N THR A 376 23.00 -17.46 15.38
CA THR A 376 23.85 -18.26 14.50
C THR A 376 24.81 -17.41 13.67
N LYS A 377 24.81 -16.10 13.90
CA LYS A 377 25.63 -15.17 13.16
C LYS A 377 25.40 -15.24 11.66
N GLY A 378 24.13 -15.31 11.27
CA GLY A 378 23.75 -15.08 9.90
C GLY A 378 23.46 -16.34 9.10
N ARG A 379 23.34 -17.49 9.76
CA ARG A 379 22.93 -18.71 9.05
C ARG A 379 21.48 -18.60 8.56
N VAL A 380 21.20 -19.29 7.44
CA VAL A 380 19.87 -19.30 6.87
C VAL A 380 18.99 -20.13 7.82
N PRO A 381 17.78 -19.66 8.11
CA PRO A 381 16.83 -20.42 8.92
C PRO A 381 16.53 -21.77 8.28
N TYR A 382 16.13 -22.74 9.11
CA TYR A 382 15.77 -24.08 8.64
C TYR A 382 16.85 -24.65 7.70
N PRO A 383 18.09 -24.78 8.18
CA PRO A 383 19.17 -25.29 7.32
C PRO A 383 18.86 -26.73 6.88
N GLY A 384 19.21 -27.07 5.66
CA GLY A 384 18.87 -28.37 5.11
C GLY A 384 17.45 -28.50 4.56
N MET A 385 16.60 -27.51 4.82
CA MET A 385 15.22 -27.51 4.34
C MET A 385 15.05 -26.57 3.15
N VAL A 386 14.50 -27.07 2.06
CA VAL A 386 14.27 -26.23 0.88
C VAL A 386 13.01 -25.38 1.10
N ASN A 387 12.95 -24.23 0.44
CA ASN A 387 11.85 -23.26 0.64
C ASN A 387 10.48 -23.88 0.44
N ARG A 388 10.36 -24.72 -0.59
CA ARG A 388 9.08 -25.37 -0.96
C ARG A 388 8.49 -26.31 0.10
N GLU A 389 9.31 -26.80 1.03
CA GLU A 389 8.86 -27.70 2.09
C GLU A 389 8.60 -27.01 3.45
N VAL A 390 9.01 -25.75 3.60
CA VAL A 390 8.96 -25.07 4.89
C VAL A 390 7.54 -24.91 5.46
N LEU A 391 6.63 -24.42 4.65
CA LEU A 391 5.27 -24.13 5.12
C LEU A 391 4.60 -25.39 5.71
N ASP A 392 4.70 -26.51 4.99
CA ASP A 392 4.08 -27.75 5.44
C ASP A 392 4.67 -28.22 6.77
N GLN A 393 6.00 -28.11 6.91
CA GLN A 393 6.67 -28.54 8.14
C GLN A 393 6.26 -27.69 9.33
N VAL A 394 6.28 -26.37 9.17
CA VAL A 394 5.91 -25.45 10.24
C VAL A 394 4.45 -25.62 10.63
N GLU A 395 3.58 -25.82 9.65
CA GLU A 395 2.15 -26.04 9.91
C GLU A 395 1.90 -27.28 10.76
N ARG A 396 2.72 -28.32 10.54
CA ARG A 396 2.61 -29.58 11.26
C ARG A 396 3.30 -29.56 12.63
N GLY A 397 3.96 -28.46 12.97
CA GLY A 397 4.50 -28.25 14.30
C GLY A 397 6.02 -28.13 14.40
N TYR A 398 6.74 -28.24 13.27
CA TYR A 398 8.20 -28.17 13.31
C TYR A 398 8.69 -26.79 13.70
N ARG A 399 9.61 -26.73 14.65
CA ARG A 399 10.29 -25.50 15.06
C ARG A 399 11.80 -25.72 15.05
N MET A 400 12.57 -24.67 14.73
CA MET A 400 14.02 -24.76 14.79
C MET A 400 14.46 -25.08 16.22
N PRO A 401 15.48 -25.92 16.38
CA PRO A 401 16.02 -26.23 17.71
C PRO A 401 16.90 -25.09 18.27
N CYS A 402 17.29 -25.25 19.53
CA CYS A 402 18.13 -24.29 20.22
C CYS A 402 19.54 -24.28 19.59
N PRO A 403 19.99 -23.14 19.05
CA PRO A 403 21.35 -23.05 18.49
C PRO A 403 22.45 -23.41 19.50
N PRO A 404 23.59 -23.94 19.07
CA PRO A 404 24.71 -24.22 19.98
C PRO A 404 25.15 -22.99 20.78
N GLU A 405 25.38 -23.18 22.07
CA GLU A 405 25.80 -22.14 23.03
C GLU A 405 24.72 -21.12 23.36
N CYS A 406 23.52 -21.28 22.78
CA CYS A 406 22.41 -20.39 23.06
C CYS A 406 21.70 -20.88 24.33
N PRO A 407 21.51 -20.02 25.34
CA PRO A 407 20.76 -20.45 26.53
C PRO A 407 19.33 -20.87 26.18
N GLU A 408 18.87 -21.91 26.87
CA GLU A 408 17.51 -22.42 26.70
C GLU A 408 16.45 -21.34 26.89
N SER A 409 16.69 -20.39 27.79
CA SER A 409 15.77 -19.29 28.03
C SER A 409 15.55 -18.37 26.82
N LEU A 410 16.59 -18.23 25.99
CA LEU A 410 16.47 -17.43 24.78
C LEU A 410 15.78 -18.22 23.68
N HIS A 411 16.05 -19.52 23.59
CA HIS A 411 15.29 -20.37 22.68
C HIS A 411 13.80 -20.44 23.08
N ASP A 412 13.51 -20.44 24.40
CA ASP A 412 12.12 -20.40 24.88
C ASP A 412 11.39 -19.14 24.39
N LEU A 413 12.11 -18.03 24.35
CA LEU A 413 11.57 -16.78 23.79
C LEU A 413 11.27 -16.90 22.30
N MET A 414 12.19 -17.48 21.54
CA MET A 414 11.96 -17.73 20.13
C MET A 414 10.68 -18.56 19.94
N CYS A 415 10.52 -19.60 20.76
CA CYS A 415 9.38 -20.52 20.63
C CYS A 415 8.05 -19.86 20.94
N GLN A 416 8.04 -18.89 21.86
CA GLN A 416 6.86 -18.08 22.12
C GLN A 416 6.48 -17.24 20.90
N CYS A 417 7.49 -16.74 20.20
CA CYS A 417 7.27 -15.95 18.99
C CYS A 417 6.66 -16.83 17.89
N TRP A 418 6.90 -18.14 17.94
CA TRP A 418 6.41 -19.06 16.91
C TRP A 418 5.18 -19.87 17.34
N ARG A 419 4.41 -19.36 18.28
CA ARG A 419 3.18 -20.06 18.68
C ARG A 419 2.19 -20.08 17.53
N LYS A 420 1.50 -21.21 17.38
CA LYS A 420 0.58 -21.42 16.27
C LYS A 420 -0.50 -20.32 16.24
N GLU A 421 -1.05 -20.02 17.41
CA GLU A 421 -2.09 -18.99 17.55
C GLU A 421 -1.46 -17.60 17.70
N PRO A 422 -1.72 -16.69 16.77
CA PRO A 422 -1.08 -15.36 16.82
C PRO A 422 -1.28 -14.59 18.12
N GLU A 423 -2.48 -14.65 18.69
CA GLU A 423 -2.79 -13.98 19.95
C GLU A 423 -1.95 -14.43 21.15
N GLU A 424 -1.43 -15.65 21.11
CA GLU A 424 -0.59 -16.18 22.19
C GLU A 424 0.89 -15.77 22.06
N ARG A 425 1.24 -15.09 20.97
CA ARG A 425 2.60 -14.59 20.80
C ARG A 425 2.80 -13.35 21.66
N PRO A 426 4.02 -13.12 22.13
CA PRO A 426 4.27 -11.94 22.96
C PRO A 426 4.16 -10.66 22.12
N THR A 427 4.06 -9.54 22.82
CA THR A 427 4.11 -8.24 22.18
C THR A 427 5.57 -7.83 22.07
N PHE A 428 5.86 -6.90 21.16
CA PHE A 428 7.19 -6.33 21.09
C PHE A 428 7.50 -5.51 22.35
N GLU A 429 6.49 -4.95 23.02
CA GLU A 429 6.73 -4.28 24.31
C GLU A 429 7.38 -5.25 25.30
N TYR A 430 6.82 -6.45 25.37
CA TYR A 430 7.35 -7.50 26.24
C TYR A 430 8.74 -7.94 25.79
N LEU A 431 8.92 -8.13 24.48
CA LEU A 431 10.17 -8.61 23.95
C LEU A 431 11.30 -7.62 24.24
N GLN A 432 11.04 -6.32 24.10
CA GLN A 432 12.06 -5.28 24.37
C GLN A 432 12.51 -5.34 25.82
N ALA A 433 11.55 -5.37 26.74
CA ALA A 433 11.85 -5.42 28.18
C ALA A 433 12.63 -6.68 28.58
N PHE A 434 12.16 -7.82 28.09
CA PHE A 434 12.83 -9.11 28.33
C PHE A 434 14.29 -9.09 27.89
N LEU A 435 14.53 -8.57 26.70
CA LEU A 435 15.88 -8.58 26.11
C LEU A 435 16.77 -7.54 26.79
N GLU A 436 16.22 -6.36 27.07
CA GLU A 436 16.95 -5.32 27.82
C GLU A 436 17.43 -5.79 29.21
N ASP A 437 16.57 -6.56 29.87
CA ASP A 437 16.82 -7.02 31.26
C ASP A 437 17.44 -8.41 31.34
N TYR A 438 17.77 -8.98 30.17
CA TYR A 438 18.14 -10.39 30.05
C TYR A 438 19.22 -10.87 31.01
N PHE A 439 20.30 -10.11 31.12
CA PHE A 439 21.50 -10.58 31.87
C PHE A 439 21.44 -10.26 33.36
N THR A 440 20.40 -9.56 33.79
CA THR A 440 20.11 -9.39 35.22
C THR A 440 18.92 -10.24 35.67
N SER A 441 17.84 -10.25 34.89
CA SER A 441 16.61 -10.98 35.29
C SER A 441 16.59 -12.47 34.93
N THR A 442 17.30 -12.87 33.88
CA THR A 442 17.13 -14.20 33.30
C THR A 442 18.38 -15.05 33.32
N GLU A 443 19.53 -14.47 32.97
CA GLU A 443 20.79 -15.22 32.93
C GLU A 443 21.86 -14.47 33.70
N PRO A 444 21.67 -14.30 35.00
CA PRO A 444 22.68 -13.59 35.82
C PRO A 444 24.01 -14.34 35.97
N GLN A 445 24.04 -15.64 35.66
CA GLN A 445 25.28 -16.41 35.77
C GLN A 445 26.00 -16.59 34.44
N TYR A 446 25.57 -15.88 33.40
CA TYR A 446 26.10 -16.12 32.04
C TYR A 446 27.61 -15.89 31.97
N GLN A 447 28.31 -16.80 31.29
CA GLN A 447 29.72 -16.61 30.96
C GLN A 447 29.94 -16.93 29.47
N PRO A 448 30.61 -16.05 28.73
CA PRO A 448 30.80 -16.25 27.29
C PRO A 448 31.67 -17.48 26.97
N GLY A 449 31.36 -18.13 25.86
CA GLY A 449 32.19 -19.19 25.31
C GLY A 449 32.90 -18.63 24.10
N GLU A 450 33.24 -19.50 23.14
CA GLU A 450 33.98 -19.13 21.94
C GLU A 450 33.10 -18.55 20.86
N ASN A 451 31.79 -18.79 20.95
CA ASN A 451 30.87 -18.34 19.91
C ASN A 451 29.82 -17.37 20.42
N LEU A 452 29.17 -17.73 21.52
CA LEU A 452 28.18 -16.89 22.17
C LEU A 452 28.53 -16.74 23.65
#